data_2IVS
#
_entry.id   2IVS
#
_cell.length_a   50.399
_cell.length_b   80.217
_cell.length_c   79.684
_cell.angle_alpha   90.00
_cell.angle_beta   100.09
_cell.angle_gamma   90.00
#
_symmetry.space_group_name_H-M   'P 1 21 1'
#
loop_
_entity.id
_entity.type
_entity.pdbx_description
1 polymer 'PROTO-ONCOGENE TYROSINE-PROTEIN KINASE RECEPTOR RET'
2 non-polymer 'FORMIC ACID'
3 non-polymer "2',3'- cyclic AMP"
4 water water
#
_entity_poly.entity_id   1
_entity_poly.type   'polypeptide(L)'
_entity_poly.pdbx_seq_one_letter_code
;GPLSLSVDAFKILEDPKWEFPRKNLVLGKTLGEGEFGKVVKATAFHLKGRAGYTTVAVKMLKENASPSELRDLLSEFNVL
KQVNHPHVIKLYGACSQDGPLLLIVEYAKYGSLRGFLRESRKVGPGYLGSGGSRNSSSLDHPDERALTMGDLISFAWQIS
QGMQYLAEMKLVHRDLAARNILVAEGRKMKISDFGLSRDVYEEDSYVKRSQGRIPVKWMAIESLFDHIYTTQSDVWSFGV
LLWEIVTLGGNPYPGIPPERLFNLLKTGHRMERPDNCSEEMYRLMLQCWKQEPDKRPVFADISKDLEKMMVKRR
;
_entity_poly.pdbx_strand_id   A,B
#
loop_
_chem_comp.id
_chem_comp.type
_chem_comp.name
_chem_comp.formula
ACK non-polymer '2',3'- cyclic AMP' 'C10 H12 N5 O6 P'
FMT non-polymer 'FORMIC ACID' 'C H2 O2'
#
# COMPACT_ATOMS: atom_id res chain seq x y z
N GLU A 14 -5.22 -1.44 -24.76
CA GLU A 14 -5.85 -2.13 -25.92
C GLU A 14 -4.91 -2.14 -27.14
N ASP A 15 -3.88 -2.97 -27.03
CA ASP A 15 -2.82 -3.08 -28.03
C ASP A 15 -2.96 -4.43 -28.74
N PRO A 16 -3.12 -4.41 -30.07
CA PRO A 16 -3.33 -5.65 -30.84
C PRO A 16 -2.18 -6.67 -30.69
N LYS A 17 -0.96 -6.20 -30.43
CA LYS A 17 0.14 -7.15 -30.20
C LYS A 17 -0.02 -7.88 -28.85
N TRP A 18 -0.94 -7.41 -28.00
CA TRP A 18 -1.01 -7.94 -26.63
C TRP A 18 -2.40 -8.33 -26.18
N GLU A 19 -3.43 -7.74 -26.79
CA GLU A 19 -4.80 -7.98 -26.35
C GLU A 19 -5.17 -9.45 -26.57
N PHE A 20 -5.80 -10.04 -25.56
CA PHE A 20 -6.15 -11.46 -25.58
C PHE A 20 -7.66 -11.62 -25.36
N PRO A 21 -8.31 -12.55 -26.12
CA PRO A 21 -9.75 -12.75 -25.92
C PRO A 21 -10.13 -13.12 -24.47
N ARG A 22 -10.93 -12.28 -23.83
CA ARG A 22 -11.34 -12.59 -22.46
C ARG A 22 -11.98 -13.99 -22.32
N LYS A 23 -12.75 -14.43 -23.33
CA LYS A 23 -13.42 -15.71 -23.25
C LYS A 23 -12.45 -16.89 -23.24
N ASN A 24 -11.19 -16.66 -23.64
CA ASN A 24 -10.18 -17.72 -23.70
C ASN A 24 -9.39 -17.82 -22.39
N LEU A 25 -9.72 -16.97 -21.42
CA LEU A 25 -9.00 -16.98 -20.16
C LEU A 25 -9.91 -17.49 -19.03
N VAL A 26 -9.38 -18.34 -18.16
CA VAL A 26 -10.17 -18.88 -17.07
C VAL A 26 -9.38 -18.68 -15.78
N LEU A 27 -10.00 -18.01 -14.81
CA LEU A 27 -9.30 -17.64 -13.57
C LEU A 27 -9.53 -18.70 -12.49
N GLY A 28 -8.49 -18.98 -11.72
CA GLY A 28 -8.55 -19.93 -10.64
C GLY A 28 -8.25 -19.26 -9.31
N LYS A 29 -7.50 -19.95 -8.47
CA LYS A 29 -7.28 -19.53 -7.08
C LYS A 29 -6.36 -18.29 -6.96
N THR A 30 -6.56 -17.52 -5.89
CA THR A 30 -5.73 -16.37 -5.62
C THR A 30 -4.41 -16.82 -5.05
N LEU A 31 -3.34 -16.42 -5.72
CA LEU A 31 -1.98 -16.74 -5.29
C LEU A 31 -1.48 -15.78 -4.18
N GLY A 32 -1.98 -14.54 -4.18
CA GLY A 32 -1.60 -13.57 -3.15
C GLY A 32 -1.89 -12.16 -3.64
N GLU A 33 -1.45 -11.16 -2.86
CA GLU A 33 -1.54 -9.77 -3.26
C GLU A 33 -0.14 -9.21 -3.32
N GLY A 34 0.17 -8.48 -4.39
CA GLY A 34 1.48 -7.86 -4.54
C GLY A 34 1.47 -6.37 -4.22
N GLU A 35 2.26 -5.59 -4.96
CA GLU A 35 2.40 -4.16 -4.72
C GLU A 35 1.14 -3.36 -5.09
N PHE A 36 0.38 -3.81 -6.09
CA PHE A 36 -0.76 -3.02 -6.58
C PHE A 36 -2.12 -3.72 -6.67
N GLY A 37 -2.14 -5.05 -6.55
CA GLY A 37 -3.36 -5.78 -6.81
C GLY A 37 -3.29 -7.19 -6.26
N LYS A 38 -4.00 -8.08 -6.94
CA LYS A 38 -4.02 -9.50 -6.56
C LYS A 38 -3.53 -10.26 -7.76
N VAL A 39 -2.93 -11.41 -7.47
CA VAL A 39 -2.40 -12.30 -8.50
C VAL A 39 -3.19 -13.59 -8.38
N VAL A 40 -3.70 -14.08 -9.49
CA VAL A 40 -4.47 -15.30 -9.50
C VAL A 40 -3.90 -16.29 -10.53
N LYS A 41 -3.94 -17.57 -10.17
CA LYS A 41 -3.55 -18.63 -11.08
C LYS A 41 -4.62 -18.75 -12.15
N ALA A 42 -4.22 -18.96 -13.41
CA ALA A 42 -5.22 -19.00 -14.47
C ALA A 42 -4.76 -19.93 -15.57
N THR A 43 -5.63 -20.09 -16.57
CA THR A 43 -5.28 -20.86 -17.75
C THR A 43 -5.76 -20.11 -18.99
N ALA A 44 -4.97 -20.13 -20.06
CA ALA A 44 -5.32 -19.39 -21.26
C ALA A 44 -5.35 -20.31 -22.49
N PHE A 45 -6.44 -20.28 -23.24
CA PHE A 45 -6.63 -21.12 -24.42
C PHE A 45 -6.12 -20.42 -25.66
N HIS A 46 -5.27 -21.10 -26.41
CA HIS A 46 -4.74 -20.61 -27.70
C HIS A 46 -3.92 -19.32 -27.49
N LEU A 47 -3.05 -19.35 -26.49
CA LEU A 47 -2.27 -18.18 -26.12
C LEU A 47 -1.09 -18.03 -27.06
N LYS A 48 -1.04 -16.93 -27.79
CA LYS A 48 0.12 -16.67 -28.67
C LYS A 48 0.42 -17.89 -29.55
N GLY A 49 -0.59 -18.39 -30.24
CA GLY A 49 -0.45 -19.55 -31.14
C GLY A 49 -0.15 -20.92 -30.55
N ARG A 50 -0.01 -21.02 -29.22
CA ARG A 50 0.27 -22.28 -28.55
C ARG A 50 -1.03 -23.04 -28.39
N ALA A 51 -1.08 -24.29 -28.89
CA ALA A 51 -2.33 -25.05 -28.93
C ALA A 51 -2.83 -25.43 -27.53
N GLY A 52 -4.15 -25.45 -27.37
CA GLY A 52 -4.69 -25.88 -26.07
C GLY A 52 -4.56 -24.80 -25.00
N TYR A 53 -4.62 -25.24 -23.75
CA TYR A 53 -4.47 -24.36 -22.62
C TYR A 53 -3.05 -24.27 -22.16
N THR A 54 -2.72 -23.11 -21.60
CA THR A 54 -1.43 -22.83 -21.01
C THR A 54 -1.70 -22.27 -19.63
N THR A 55 -1.03 -22.80 -18.60
CA THR A 55 -1.17 -22.26 -17.24
C THR A 55 -0.43 -20.93 -17.15
N VAL A 56 -1.07 -19.90 -16.59
CA VAL A 56 -0.48 -18.56 -16.52
C VAL A 56 -0.80 -17.93 -15.14
N ALA A 57 -0.20 -16.77 -14.85
CA ALA A 57 -0.63 -15.96 -13.70
C ALA A 57 -1.32 -14.70 -14.23
N VAL A 58 -2.30 -14.19 -13.50
CA VAL A 58 -3.03 -13.02 -13.94
C VAL A 58 -2.94 -11.98 -12.83
N LYS A 59 -2.66 -10.74 -13.20
CA LYS A 59 -2.63 -9.63 -12.26
C LYS A 59 -3.90 -8.85 -12.50
N MET A 60 -4.56 -8.45 -11.42
CA MET A 60 -5.77 -7.64 -11.53
C MET A 60 -5.91 -6.71 -10.33
N LEU A 61 -6.77 -5.71 -10.44
CA LEU A 61 -6.98 -4.75 -9.34
C LEU A 61 -8.00 -5.33 -8.39
N LYS A 62 -7.83 -5.05 -7.10
CA LYS A 62 -8.90 -5.29 -6.12
C LYS A 62 -10.04 -4.28 -6.23
N GLU A 63 -11.15 -4.57 -5.58
CA GLU A 63 -12.32 -3.72 -5.83
C GLU A 63 -12.15 -2.33 -5.24
N ASN A 64 -11.41 -2.23 -4.13
CA ASN A 64 -11.12 -0.92 -3.54
C ASN A 64 -9.83 -0.25 -4.12
N ALA A 65 -9.49 -0.57 -5.38
CA ALA A 65 -8.27 -0.04 -6.00
C ALA A 65 -8.27 1.50 -6.08
N SER A 66 -7.09 2.07 -5.84
CA SER A 66 -6.88 3.53 -5.96
C SER A 66 -6.24 3.85 -7.32
N PRO A 67 -6.23 5.15 -7.72
CA PRO A 67 -5.54 5.51 -8.95
C PRO A 67 -4.06 5.10 -9.00
N SER A 68 -3.32 5.20 -7.89
CA SER A 68 -1.92 4.79 -7.94
C SER A 68 -1.78 3.28 -8.28
N GLU A 69 -2.72 2.46 -7.81
CA GLU A 69 -2.62 1.01 -8.03
C GLU A 69 -2.95 0.70 -9.49
N LEU A 70 -3.94 1.41 -10.05
CA LEU A 70 -4.18 1.36 -11.50
C LEU A 70 -2.98 1.78 -12.30
N ARG A 71 -2.36 2.89 -11.90
CA ARG A 71 -1.16 3.36 -12.56
C ARG A 71 0.02 2.37 -12.43
N ASP A 72 0.22 1.76 -11.27
CA ASP A 72 1.24 0.72 -11.12
C ASP A 72 0.96 -0.52 -12.06
N LEU A 73 -0.30 -0.94 -12.16
CA LEU A 73 -0.65 -2.06 -13.07
C LEU A 73 -0.26 -1.68 -14.48
N LEU A 74 -0.59 -0.45 -14.89
CA LEU A 74 -0.23 0.03 -16.23
C LEU A 74 1.27 0.15 -16.45
N SER A 75 1.99 0.55 -15.40
CA SER A 75 3.45 0.60 -15.46
C SER A 75 4.07 -0.78 -15.69
N GLU A 76 3.60 -1.78 -14.95
CA GLU A 76 4.05 -3.16 -15.17
C GLU A 76 3.80 -3.57 -16.62
N PHE A 77 2.61 -3.28 -17.14
CA PHE A 77 2.30 -3.61 -18.53
C PHE A 77 3.26 -2.89 -19.48
N ASN A 78 3.44 -1.60 -19.27
CA ASN A 78 4.23 -0.78 -20.17
C ASN A 78 5.72 -1.15 -20.20
N VAL A 79 6.23 -1.59 -19.04
CA VAL A 79 7.59 -2.13 -18.98
C VAL A 79 7.71 -3.53 -19.61
N LEU A 80 6.84 -4.46 -19.22
CA LEU A 80 6.98 -5.84 -19.71
C LEU A 80 6.73 -5.98 -21.22
N LYS A 81 5.95 -5.06 -21.80
CA LYS A 81 5.78 -4.98 -23.25
C LYS A 81 7.11 -4.84 -23.95
N GLN A 82 8.02 -4.13 -23.33
CA GLN A 82 9.28 -3.74 -24.00
C GLN A 82 10.50 -4.64 -23.72
N VAL A 83 10.41 -5.47 -22.69
CA VAL A 83 11.54 -6.29 -22.29
C VAL A 83 11.33 -7.77 -22.57
N ASN A 84 12.43 -8.44 -22.87
CA ASN A 84 12.48 -9.90 -23.02
C ASN A 84 13.83 -10.38 -22.58
N HIS A 85 13.82 -11.20 -21.55
CA HIS A 85 15.05 -11.76 -20.99
C HIS A 85 14.71 -13.10 -20.30
N PRO A 86 15.58 -14.12 -20.37
CA PRO A 86 15.37 -15.42 -19.67
C PRO A 86 15.16 -15.27 -18.16
N HIS A 87 15.65 -14.18 -17.56
CA HIS A 87 15.47 -13.96 -16.12
C HIS A 87 14.59 -12.78 -15.76
N VAL A 88 13.69 -12.40 -16.68
CA VAL A 88 12.59 -11.47 -16.39
C VAL A 88 11.28 -12.18 -16.73
N ILE A 89 10.31 -12.07 -15.83
CA ILE A 89 8.99 -12.69 -16.04
C ILE A 89 8.38 -12.23 -17.37
N LYS A 90 7.80 -13.15 -18.13
CA LYS A 90 7.31 -12.81 -19.47
C LYS A 90 5.85 -12.33 -19.42
N LEU A 91 5.56 -11.27 -20.17
CA LEU A 91 4.18 -10.85 -20.37
C LEU A 91 3.63 -11.61 -21.56
N TYR A 92 2.41 -12.13 -21.45
CA TYR A 92 1.80 -12.87 -22.55
C TYR A 92 0.63 -12.14 -23.17
N GLY A 93 -0.02 -11.27 -22.41
CA GLY A 93 -1.15 -10.52 -22.94
C GLY A 93 -1.87 -9.69 -21.89
N ALA A 94 -2.95 -9.07 -22.32
CA ALA A 94 -3.81 -8.31 -21.44
C ALA A 94 -5.24 -8.42 -21.94
N CYS A 95 -6.21 -8.36 -21.02
CA CYS A 95 -7.63 -8.19 -21.37
C CYS A 95 -8.03 -6.85 -20.82
N SER A 96 -8.44 -5.96 -21.72
CA SER A 96 -8.63 -4.56 -21.34
C SER A 96 -9.97 -4.03 -21.81
N GLN A 97 -10.88 -4.93 -22.18
CA GLN A 97 -12.19 -4.58 -22.72
C GLN A 97 -13.24 -5.58 -22.21
N ASP A 98 -14.47 -5.09 -21.99
CA ASP A 98 -15.56 -5.93 -21.50
C ASP A 98 -15.29 -6.51 -20.12
N GLY A 99 -14.64 -5.71 -19.26
CA GLY A 99 -14.49 -6.10 -17.84
C GLY A 99 -13.28 -5.52 -17.16
N PRO A 100 -12.93 -6.05 -15.97
CA PRO A 100 -11.68 -5.61 -15.31
C PRO A 100 -10.43 -5.81 -16.18
N LEU A 101 -9.47 -4.88 -16.06
CA LEU A 101 -8.19 -4.97 -16.73
C LEU A 101 -7.38 -6.11 -16.12
N LEU A 102 -6.81 -6.97 -16.97
CA LEU A 102 -6.08 -8.15 -16.48
C LEU A 102 -4.78 -8.18 -17.26
N LEU A 103 -3.67 -8.45 -16.57
CA LEU A 103 -2.41 -8.72 -17.24
C LEU A 103 -2.21 -10.22 -17.21
N ILE A 104 -1.73 -10.77 -18.32
CA ILE A 104 -1.49 -12.23 -18.36
C ILE A 104 0.00 -12.44 -18.45
N VAL A 105 0.56 -13.13 -17.48
CA VAL A 105 2.02 -13.29 -17.38
C VAL A 105 2.41 -14.75 -17.15
N GLU A 106 3.69 -15.03 -17.39
CA GLU A 106 4.28 -16.36 -17.22
C GLU A 106 4.04 -16.85 -15.79
N TYR A 107 3.61 -18.10 -15.64
CA TYR A 107 3.46 -18.71 -14.33
C TYR A 107 4.78 -19.26 -13.79
N ALA A 108 5.12 -18.91 -12.56
CA ALA A 108 6.30 -19.44 -11.94
C ALA A 108 5.88 -20.47 -10.88
N LYS A 109 6.17 -21.75 -11.14
CA LYS A 109 5.60 -22.80 -10.31
C LYS A 109 6.06 -22.86 -8.84
N TYR A 110 7.22 -22.27 -8.51
CA TYR A 110 7.65 -22.28 -7.13
C TYR A 110 7.36 -21.02 -6.33
N GLY A 111 6.69 -20.04 -6.94
CA GLY A 111 6.33 -18.80 -6.26
C GLY A 111 7.56 -17.93 -6.01
N SER A 112 7.48 -17.07 -5.01
CA SER A 112 8.56 -16.09 -4.79
C SER A 112 9.82 -16.75 -4.28
N LEU A 113 10.97 -16.11 -4.56
CA LEU A 113 12.23 -16.58 -4.01
C LEU A 113 12.26 -16.55 -2.50
N ARG A 114 11.70 -15.50 -1.91
CA ARG A 114 11.66 -15.44 -0.44
C ARG A 114 10.95 -16.69 0.12
N GLY A 115 9.77 -16.99 -0.42
CA GLY A 115 9.01 -18.19 0.00
C GLY A 115 9.74 -19.51 -0.20
N PHE A 116 10.38 -19.66 -1.35
CA PHE A 116 11.11 -20.86 -1.70
C PHE A 116 12.28 -21.09 -0.75
N LEU A 117 13.03 -20.01 -0.46
CA LEU A 117 14.15 -20.08 0.47
C LEU A 117 13.72 -20.37 1.91
N ARG A 118 12.69 -19.70 2.36
CA ARG A 118 12.13 -19.97 3.70
C ARG A 118 11.61 -21.41 3.84
N GLU A 119 11.04 -21.97 2.77
CA GLU A 119 10.60 -23.36 2.78
C GLU A 119 11.80 -24.30 2.86
N SER A 120 12.94 -23.87 2.32
CA SER A 120 14.15 -24.68 2.36
C SER A 120 14.70 -24.86 3.78
N ARG A 121 14.16 -24.12 4.74
CA ARG A 121 14.51 -24.27 6.16
C ARG A 121 13.74 -25.41 6.86
N LYS A 122 12.63 -25.82 6.26
CA LYS A 122 11.71 -26.79 6.85
C LYS A 122 11.52 -28.02 5.95
N VAL A 123 11.77 -27.84 4.65
CA VAL A 123 11.54 -28.84 3.58
C VAL A 123 12.87 -29.41 3.10
N GLY A 124 13.07 -30.69 3.40
CA GLY A 124 14.29 -31.39 3.03
C GLY A 124 14.42 -31.54 1.52
N PRO A 125 15.66 -31.77 1.04
CA PRO A 125 16.86 -31.91 1.84
C PRO A 125 17.32 -30.61 2.53
N GLY A 126 16.75 -29.47 2.15
CA GLY A 126 17.08 -28.22 2.82
C GLY A 126 18.37 -27.59 2.32
N TYR A 127 18.93 -26.68 3.11
CA TYR A 127 20.21 -26.06 2.78
C TYR A 127 21.34 -26.97 3.23
N LEU A 128 22.23 -27.32 2.31
CA LEU A 128 23.21 -28.36 2.55
C LEU A 128 24.61 -27.77 2.54
N ARG A 145 14.72 -29.09 -4.23
CA ARG A 145 14.62 -28.75 -2.79
C ARG A 145 15.97 -28.78 -2.03
N ALA A 146 17.00 -29.29 -2.69
CA ALA A 146 18.36 -29.36 -2.12
C ALA A 146 19.16 -28.13 -2.57
N LEU A 147 19.68 -27.36 -1.60
CA LEU A 147 20.41 -26.13 -1.91
C LEU A 147 21.79 -26.09 -1.32
N THR A 148 22.78 -25.74 -2.13
CA THR A 148 24.14 -25.45 -1.65
C THR A 148 24.45 -23.96 -1.82
N MET A 149 25.57 -23.48 -1.30
CA MET A 149 26.01 -22.11 -1.61
C MET A 149 26.17 -21.90 -3.12
N GLY A 150 26.61 -22.94 -3.81
CA GLY A 150 26.71 -22.91 -5.27
C GLY A 150 25.39 -22.56 -5.97
N ASP A 151 24.30 -23.17 -5.49
CA ASP A 151 22.97 -22.85 -5.98
C ASP A 151 22.58 -21.40 -5.67
N LEU A 152 22.83 -20.94 -4.44
CA LEU A 152 22.56 -19.53 -4.07
C LEU A 152 23.31 -18.53 -4.96
N ILE A 153 24.60 -18.77 -5.17
CA ILE A 153 25.38 -17.93 -6.09
C ILE A 153 24.78 -17.89 -7.48
N SER A 154 24.42 -19.07 -8.02
CA SER A 154 23.69 -19.19 -9.29
C SER A 154 22.42 -18.31 -9.33
N PHE A 155 21.61 -18.35 -8.28
CA PHE A 155 20.37 -17.59 -8.23
C PHE A 155 20.69 -16.10 -8.31
N ALA A 156 21.62 -15.66 -7.46
CA ALA A 156 22.07 -14.25 -7.47
C ALA A 156 22.60 -13.82 -8.85
N TRP A 157 23.38 -14.70 -9.49
CA TRP A 157 23.91 -14.42 -10.85
C TRP A 157 22.81 -14.26 -11.90
N GLN A 158 21.84 -15.17 -11.90
CA GLN A 158 20.70 -15.07 -12.84
C GLN A 158 19.97 -13.72 -12.68
N ILE A 159 19.77 -13.29 -11.43
CA ILE A 159 19.08 -12.02 -11.14
C ILE A 159 19.95 -10.85 -11.61
N SER A 160 21.24 -10.90 -11.30
CA SER A 160 22.17 -9.87 -11.75
C SER A 160 22.21 -9.73 -13.29
N GLN A 161 22.15 -10.86 -14.03
CA GLN A 161 22.04 -10.87 -15.51
C GLN A 161 20.76 -10.16 -15.99
N GLY A 162 19.63 -10.46 -15.36
CA GLY A 162 18.36 -9.81 -15.71
C GLY A 162 18.45 -8.30 -15.44
N MET A 163 19.06 -7.94 -14.31
CA MET A 163 19.19 -6.51 -13.92
C MET A 163 20.16 -5.76 -14.83
N GLN A 164 21.22 -6.43 -15.27
CA GLN A 164 22.18 -5.84 -16.21
CA GLN A 164 22.15 -5.79 -16.19
C GLN A 164 21.42 -5.46 -17.48
N TYR A 165 20.57 -6.39 -17.96
CA TYR A 165 19.77 -6.12 -19.15
C TYR A 165 18.77 -5.00 -18.93
N LEU A 166 18.05 -5.06 -17.81
CA LEU A 166 17.11 -3.97 -17.50
C LEU A 166 17.80 -2.58 -17.43
N ALA A 167 18.98 -2.55 -16.78
CA ALA A 167 19.79 -1.31 -16.72
C ALA A 167 20.16 -0.84 -18.14
N GLU A 168 20.58 -1.76 -19.00
CA GLU A 168 20.80 -1.44 -20.43
C GLU A 168 19.57 -0.83 -21.13
N MET A 169 18.39 -1.30 -20.74
CA MET A 169 17.12 -0.83 -21.30
C MET A 169 16.69 0.49 -20.63
N LYS A 170 17.55 1.08 -19.81
CA LYS A 170 17.26 2.36 -19.17
C LYS A 170 16.00 2.30 -18.30
N LEU A 171 15.91 1.25 -17.49
CA LEU A 171 14.83 1.07 -16.56
C LEU A 171 15.45 1.00 -15.18
N VAL A 172 14.75 1.49 -14.17
CA VAL A 172 15.12 1.15 -12.80
C VAL A 172 13.94 0.35 -12.23
N HIS A 173 14.23 -0.79 -11.59
CA HIS A 173 13.16 -1.62 -11.02
C HIS A 173 12.56 -0.98 -9.77
N ARG A 174 13.47 -0.52 -8.93
CA ARG A 174 13.17 0.21 -7.67
C ARG A 174 12.72 -0.69 -6.53
N ASP A 175 12.14 -1.85 -6.83
CA ASP A 175 11.57 -2.68 -5.76
C ASP A 175 12.19 -4.08 -5.76
N LEU A 176 13.51 -4.14 -5.91
CA LEU A 176 14.20 -5.41 -5.93
C LEU A 176 14.25 -5.97 -4.50
N ALA A 177 13.82 -7.23 -4.37
CA ALA A 177 13.66 -7.86 -3.05
C ALA A 177 13.36 -9.30 -3.33
N ALA A 178 13.68 -10.19 -2.40
CA ALA A 178 13.42 -11.62 -2.60
C ALA A 178 11.95 -11.96 -2.80
N ARG A 179 11.03 -11.16 -2.23
CA ARG A 179 9.59 -11.33 -2.48
C ARG A 179 9.18 -11.00 -3.94
N ASN A 180 10.02 -10.30 -4.69
CA ASN A 180 9.73 -9.83 -6.09
C ASN A 180 10.55 -10.56 -7.13
N ILE A 181 11.15 -11.67 -6.73
CA ILE A 181 11.85 -12.54 -7.65
C ILE A 181 11.00 -13.80 -7.59
N LEU A 182 10.72 -14.41 -8.73
CA LEU A 182 9.95 -15.66 -8.76
C LEU A 182 10.86 -16.82 -9.14
N VAL A 183 10.45 -18.05 -8.80
CA VAL A 183 11.26 -19.26 -9.06
C VAL A 183 10.36 -20.10 -10.00
N ALA A 184 10.77 -20.21 -11.24
CA ALA A 184 10.01 -20.94 -12.26
C ALA A 184 10.59 -22.34 -12.46
N GLU A 185 9.97 -23.10 -13.36
CA GLU A 185 10.38 -24.47 -13.66
C GLU A 185 11.88 -24.50 -13.92
N GLY A 186 12.53 -25.52 -13.37
CA GLY A 186 13.97 -25.65 -13.43
C GLY A 186 14.69 -24.77 -12.42
N ARG A 187 13.93 -24.22 -11.45
CA ARG A 187 14.48 -23.28 -10.46
C ARG A 187 15.18 -22.09 -11.15
N LYS A 188 14.55 -21.54 -12.16
CA LYS A 188 15.09 -20.41 -12.89
C LYS A 188 14.53 -19.13 -12.27
N MET A 189 15.40 -18.15 -12.03
CA MET A 189 14.97 -16.90 -11.38
C MET A 189 14.27 -16.02 -12.41
N LYS A 190 13.18 -15.38 -12.01
CA LYS A 190 12.46 -14.45 -12.90
C LYS A 190 12.22 -13.17 -12.10
N ILE A 191 12.90 -12.09 -12.49
CA ILE A 191 12.62 -10.78 -11.86
C ILE A 191 11.17 -10.42 -12.17
N SER A 192 10.47 -9.97 -11.16
CA SER A 192 9.03 -9.77 -11.23
C SER A 192 8.60 -8.43 -10.60
N ASP A 193 7.29 -8.16 -10.63
CA ASP A 193 6.69 -7.04 -9.88
C ASP A 193 7.24 -5.69 -10.34
N PHE A 194 6.81 -5.28 -11.52
CA PHE A 194 7.30 -4.08 -12.20
C PHE A 194 6.40 -2.85 -11.97
N GLY A 195 5.49 -2.94 -10.99
CA GLY A 195 4.55 -1.87 -10.72
C GLY A 195 5.23 -0.54 -10.38
N LEU A 196 6.37 -0.60 -9.69
CA LEU A 196 7.10 0.62 -9.28
C LEU A 196 8.26 0.93 -10.22
N SER A 197 8.43 0.17 -11.30
CA SER A 197 9.56 0.39 -12.21
C SER A 197 9.34 1.65 -13.02
N ARG A 198 10.43 2.33 -13.36
CA ARG A 198 10.34 3.62 -14.01
C ARG A 198 11.40 3.73 -15.09
N ASP A 199 11.05 4.47 -16.12
CA ASP A 199 11.96 4.85 -17.21
C ASP A 199 12.95 5.89 -16.74
N VAL A 200 14.20 5.73 -17.16
CA VAL A 200 15.21 6.75 -16.95
C VAL A 200 15.91 7.02 -18.29
N TYR A 201 15.23 6.79 -19.39
CA TYR A 201 15.89 6.92 -20.69
C TYR A 201 16.30 8.38 -20.92
N GLU A 202 15.45 9.32 -20.50
CA GLU A 202 15.81 10.76 -20.62
C GLU A 202 17.07 11.18 -19.83
N GLU A 203 17.11 10.91 -18.52
CA GLU A 203 18.15 11.53 -17.63
C GLU A 203 19.02 10.61 -16.76
N ASP A 204 18.91 9.29 -16.95
CA ASP A 204 19.61 8.30 -16.11
C ASP A 204 19.29 8.33 -14.60
N SER A 205 18.25 9.09 -14.22
CA SER A 205 17.70 9.03 -12.86
C SER A 205 16.21 9.22 -12.90
N TYR A 206 15.54 8.65 -11.91
CA TYR A 206 14.14 8.89 -11.72
C TYR A 206 13.98 9.55 -10.35
N VAL A 207 13.30 10.70 -10.32
CA VAL A 207 13.20 11.47 -9.08
C VAL A 207 11.73 11.84 -8.85
N LYS A 208 11.24 11.66 -7.64
CA LYS A 208 9.86 12.02 -7.35
C LYS A 208 9.88 13.00 -6.21
N ARG A 209 9.04 14.03 -6.30
CA ARG A 209 8.86 14.99 -5.22
C ARG A 209 8.23 14.33 -4.01
N SER A 210 7.24 13.49 -4.27
CA SER A 210 6.47 12.84 -3.21
C SER A 210 7.23 11.62 -2.70
N GLN A 211 6.70 11.01 -1.64
CA GLN A 211 7.36 9.92 -0.94
C GLN A 211 7.15 8.62 -1.71
N GLY A 212 8.15 7.77 -1.68
CA GLY A 212 8.11 6.50 -2.36
C GLY A 212 7.30 5.43 -1.66
N ARG A 213 6.91 4.41 -2.44
CA ARG A 213 6.17 3.29 -1.93
C ARG A 213 6.99 1.97 -1.86
N ILE A 214 8.32 2.07 -1.94
CA ILE A 214 9.22 0.89 -1.72
C ILE A 214 9.47 0.80 -0.23
N PRO A 215 9.40 -0.41 0.35
CA PRO A 215 9.78 -0.59 1.76
C PRO A 215 11.15 0.03 2.09
N VAL A 216 11.18 0.79 3.17
CA VAL A 216 12.40 1.53 3.61
C VAL A 216 13.64 0.63 3.66
N LYS A 217 13.47 -0.58 4.15
CA LYS A 217 14.63 -1.44 4.38
C LYS A 217 15.36 -1.93 3.13
N TRP A 218 14.78 -1.74 1.95
CA TRP A 218 15.46 -2.11 0.70
C TRP A 218 15.97 -0.89 -0.08
N MET A 219 15.69 0.30 0.44
CA MET A 219 16.03 1.56 -0.24
C MET A 219 17.47 2.04 -0.04
N ALA A 220 18.10 2.45 -1.14
CA ALA A 220 19.38 3.09 -1.09
C ALA A 220 19.31 4.37 -0.26
N ILE A 221 20.45 4.74 0.32
CA ILE A 221 20.47 5.93 1.17
C ILE A 221 20.06 7.23 0.43
N GLU A 222 20.52 7.45 -0.80
CA GLU A 222 20.09 8.66 -1.51
C GLU A 222 18.62 8.57 -2.00
N SER A 223 18.06 7.36 -2.12
CA SER A 223 16.63 7.28 -2.46
C SER A 223 15.82 7.72 -1.23
N LEU A 224 16.22 7.23 -0.07
CA LEU A 224 15.58 7.55 1.20
C LEU A 224 15.63 9.04 1.58
N PHE A 225 16.81 9.64 1.50
CA PHE A 225 16.94 11.06 1.84
C PHE A 225 16.62 12.01 0.70
N ASP A 226 17.05 11.67 -0.52
CA ASP A 226 17.04 12.62 -1.63
C ASP A 226 16.02 12.29 -2.73
N HIS A 227 15.37 11.13 -2.62
CA HIS A 227 14.32 10.71 -3.56
C HIS A 227 14.88 10.41 -4.96
N ILE A 228 16.15 10.03 -5.01
CA ILE A 228 16.82 9.79 -6.28
C ILE A 228 16.89 8.27 -6.51
N TYR A 229 16.45 7.81 -7.68
CA TYR A 229 16.53 6.38 -8.03
C TYR A 229 17.31 6.21 -9.33
N THR A 230 18.35 5.39 -9.31
CA THR A 230 19.16 5.14 -10.51
C THR A 230 19.44 3.61 -10.53
N THR A 231 20.15 3.15 -11.56
CA THR A 231 20.63 1.80 -11.58
C THR A 231 21.46 1.52 -10.33
N GLN A 232 22.16 2.54 -9.81
CA GLN A 232 22.99 2.31 -8.64
CA GLN A 232 23.00 2.45 -8.60
C GLN A 232 22.20 2.21 -7.33
N SER A 233 20.98 2.78 -7.27
CA SER A 233 20.10 2.43 -6.13
C SER A 233 19.50 1.01 -6.31
N ASP A 234 19.27 0.56 -7.54
CA ASP A 234 18.95 -0.87 -7.76
C ASP A 234 20.09 -1.78 -7.27
N VAL A 235 21.34 -1.39 -7.52
CA VAL A 235 22.51 -2.11 -6.97
C VAL A 235 22.44 -2.24 -5.44
N TRP A 236 22.13 -1.15 -4.74
CA TRP A 236 22.00 -1.19 -3.29
C TRP A 236 20.93 -2.21 -2.92
N SER A 237 19.74 -2.07 -3.52
CA SER A 237 18.68 -3.06 -3.25
C SER A 237 19.11 -4.51 -3.55
N PHE A 238 19.87 -4.68 -4.64
CA PHE A 238 20.43 -6.00 -4.97
C PHE A 238 21.28 -6.54 -3.82
N GLY A 239 22.01 -5.67 -3.14
CA GLY A 239 22.84 -6.08 -2.02
C GLY A 239 21.98 -6.59 -0.86
N VAL A 240 20.84 -5.93 -0.63
CA VAL A 240 19.86 -6.39 0.37
C VAL A 240 19.27 -7.74 -0.06
N LEU A 241 18.93 -7.89 -1.34
CA LEU A 241 18.50 -9.19 -1.90
C LEU A 241 19.57 -10.29 -1.69
N LEU A 242 20.85 -9.96 -1.87
CA LEU A 242 21.95 -10.88 -1.62
C LEU A 242 21.94 -11.38 -0.19
N TRP A 243 21.74 -10.46 0.75
CA TRP A 243 21.67 -10.78 2.16
C TRP A 243 20.44 -11.68 2.42
N GLU A 244 19.30 -11.39 1.79
CA GLU A 244 18.10 -12.23 1.90
C GLU A 244 18.38 -13.64 1.42
N ILE A 245 19.13 -13.75 0.33
CA ILE A 245 19.42 -15.03 -0.31
C ILE A 245 20.31 -15.90 0.60
N VAL A 246 21.44 -15.35 1.05
CA VAL A 246 22.35 -16.13 1.90
C VAL A 246 21.78 -16.46 3.30
N THR A 247 20.81 -15.67 3.79
CA THR A 247 20.17 -16.01 5.07
C THR A 247 18.97 -16.94 4.83
N LEU A 248 18.78 -17.41 3.60
CA LEU A 248 17.60 -18.20 3.22
C LEU A 248 16.27 -17.53 3.55
N GLY A 249 16.10 -16.29 3.08
CA GLY A 249 14.88 -15.54 3.25
C GLY A 249 14.79 -14.80 4.58
N GLY A 250 15.93 -14.40 5.16
CA GLY A 250 15.93 -13.71 6.46
C GLY A 250 15.36 -12.30 6.31
N ASN A 251 15.00 -11.65 7.42
CA ASN A 251 14.39 -10.31 7.39
C ASN A 251 15.46 -9.24 7.57
N PRO A 252 15.65 -8.38 6.57
CA PRO A 252 16.67 -7.31 6.66
C PRO A 252 16.62 -6.43 7.93
N TYR A 253 17.78 -5.98 8.42
CA TYR A 253 17.86 -5.14 9.63
C TYR A 253 16.96 -5.71 10.73
N PRO A 254 17.20 -6.98 11.11
CA PRO A 254 16.30 -7.67 12.04
C PRO A 254 16.22 -6.93 13.37
N GLY A 255 15.01 -6.70 13.82
CA GLY A 255 14.76 -6.05 15.09
C GLY A 255 14.84 -4.55 15.06
N ILE A 256 15.09 -3.97 13.89
CA ILE A 256 15.27 -2.52 13.79
C ILE A 256 14.01 -1.91 13.13
N PRO A 257 13.32 -1.00 13.85
CA PRO A 257 12.15 -0.29 13.27
C PRO A 257 12.57 0.49 12.04
N PRO A 258 11.78 0.43 10.95
CA PRO A 258 12.16 1.11 9.71
C PRO A 258 12.51 2.60 9.90
N GLU A 259 11.81 3.32 10.76
CA GLU A 259 12.14 4.75 10.90
C GLU A 259 13.57 4.99 11.42
N ARG A 260 14.18 3.97 12.06
CA ARG A 260 15.56 4.12 12.59
C ARG A 260 16.62 4.12 11.50
N LEU A 261 16.26 3.67 10.30
CA LEU A 261 17.24 3.57 9.19
C LEU A 261 17.80 4.88 8.72
N PHE A 262 17.04 5.96 8.87
CA PHE A 262 17.54 7.27 8.49
C PHE A 262 18.86 7.51 9.22
N ASN A 263 18.82 7.50 10.55
CA ASN A 263 20.03 7.73 11.35
C ASN A 263 21.09 6.66 11.14
N LEU A 264 20.63 5.42 11.15
CA LEU A 264 21.51 4.28 11.11
C LEU A 264 22.35 4.30 9.85
N LEU A 265 21.72 4.50 8.70
CA LEU A 265 22.50 4.55 7.46
C LEU A 265 23.40 5.79 7.35
N LYS A 266 22.89 6.95 7.76
CA LYS A 266 23.65 8.20 7.59
C LYS A 266 24.93 8.11 8.42
N THR A 267 24.85 7.42 9.56
CA THR A 267 26.01 7.26 10.42
C THR A 267 26.89 6.09 10.05
N GLY A 268 26.60 5.46 8.91
CA GLY A 268 27.52 4.49 8.31
C GLY A 268 27.37 3.05 8.71
N HIS A 269 26.33 2.72 9.46
CA HIS A 269 26.05 1.34 9.83
C HIS A 269 25.42 0.54 8.69
N ARG A 270 25.78 -0.74 8.58
CA ARG A 270 25.19 -1.65 7.58
C ARG A 270 24.94 -2.96 8.29
N MET A 271 24.11 -3.80 7.70
CA MET A 271 23.93 -5.15 8.18
C MET A 271 25.26 -5.90 8.35
N GLU A 272 25.30 -6.75 9.36
CA GLU A 272 26.46 -7.63 9.65
C GLU A 272 26.52 -8.84 8.74
N ARG A 273 27.72 -9.38 8.59
CA ARG A 273 27.94 -10.59 7.79
C ARG A 273 27.13 -11.72 8.39
N PRO A 274 26.16 -12.25 7.63
CA PRO A 274 25.40 -13.37 8.15
C PRO A 274 26.26 -14.61 8.30
N ASP A 275 25.76 -15.56 9.07
CA ASP A 275 26.52 -16.77 9.40
C ASP A 275 26.84 -17.64 8.18
N ASN A 276 25.94 -17.70 7.22
CA ASN A 276 26.16 -18.55 6.05
C ASN A 276 27.01 -17.91 4.91
N CYS A 277 27.69 -16.81 5.20
CA CYS A 277 28.20 -15.94 4.13
C CYS A 277 29.73 -15.94 4.09
N SER A 278 30.34 -16.11 2.91
CA SER A 278 31.82 -15.99 2.81
C SER A 278 32.25 -14.53 2.95
N GLU A 279 33.55 -14.32 3.18
CA GLU A 279 34.12 -12.97 3.21
C GLU A 279 33.92 -12.26 1.87
N GLU A 280 34.13 -12.99 0.77
CA GLU A 280 34.05 -12.43 -0.59
C GLU A 280 32.63 -11.98 -0.88
N MET A 281 31.67 -12.81 -0.50
CA MET A 281 30.26 -12.50 -0.70
C MET A 281 29.87 -11.30 0.16
N TYR A 282 30.40 -11.22 1.39
CA TYR A 282 30.07 -10.06 2.24
C TYR A 282 30.68 -8.77 1.69
N ARG A 283 31.91 -8.85 1.20
CA ARG A 283 32.55 -7.69 0.60
C ARG A 283 31.68 -7.15 -0.55
N LEU A 284 31.11 -8.05 -1.34
CA LEU A 284 30.20 -7.65 -2.44
C LEU A 284 28.97 -6.93 -1.92
N MET A 285 28.31 -7.46 -0.89
CA MET A 285 27.17 -6.77 -0.25
C MET A 285 27.55 -5.37 0.21
N LEU A 286 28.71 -5.26 0.89
CA LEU A 286 29.15 -3.96 1.39
C LEU A 286 29.46 -2.98 0.27
N GLN A 287 30.00 -3.48 -0.84
CA GLN A 287 30.24 -2.64 -2.00
C GLN A 287 28.89 -2.13 -2.53
N CYS A 288 27.88 -2.99 -2.57
CA CYS A 288 26.52 -2.55 -2.96
C CYS A 288 25.93 -1.42 -2.10
N TRP A 289 26.39 -1.30 -0.85
CA TRP A 289 25.85 -0.36 0.11
C TRP A 289 26.78 0.83 0.44
N LYS A 290 27.77 1.08 -0.42
CA LYS A 290 28.61 2.27 -0.29
C LYS A 290 27.71 3.50 -0.34
N GLN A 291 27.97 4.47 0.54
CA GLN A 291 27.22 5.69 0.55
C GLN A 291 27.29 6.39 -0.79
N GLU A 292 28.46 6.44 -1.43
CA GLU A 292 28.60 7.11 -2.73
C GLU A 292 28.16 6.19 -3.88
N PRO A 293 27.09 6.54 -4.61
CA PRO A 293 26.58 5.55 -5.60
C PRO A 293 27.60 5.15 -6.68
N ASP A 294 28.49 6.07 -7.03
CA ASP A 294 29.51 5.79 -8.05
C ASP A 294 30.63 4.87 -7.54
N LYS A 295 30.68 4.65 -6.22
CA LYS A 295 31.61 3.66 -5.67
C LYS A 295 31.06 2.21 -5.66
N ARG A 296 29.76 2.07 -5.91
CA ARG A 296 29.13 0.74 -5.92
C ARG A 296 29.45 0.07 -7.23
N PRO A 297 29.46 -1.29 -7.26
CA PRO A 297 29.69 -1.96 -8.56
C PRO A 297 28.53 -1.73 -9.52
N VAL A 298 28.75 -1.91 -10.82
CA VAL A 298 27.60 -1.87 -11.74
C VAL A 298 27.21 -3.34 -11.92
N PHE A 299 26.02 -3.60 -12.45
CA PHE A 299 25.53 -4.99 -12.58
C PHE A 299 26.39 -5.90 -13.43
N ALA A 300 27.03 -5.37 -14.48
CA ALA A 300 28.03 -6.19 -15.19
C ALA A 300 29.17 -6.73 -14.30
N ASP A 301 29.61 -5.90 -13.35
CA ASP A 301 30.73 -6.27 -12.50
C ASP A 301 30.25 -7.20 -11.41
N ILE A 302 29.02 -6.97 -10.96
CA ILE A 302 28.40 -7.90 -9.98
C ILE A 302 28.32 -9.30 -10.61
N SER A 303 27.82 -9.38 -11.84
CA SER A 303 27.75 -10.70 -12.51
C SER A 303 29.12 -11.36 -12.58
N LYS A 304 30.13 -10.59 -12.97
CA LYS A 304 31.51 -11.07 -12.98
C LYS A 304 31.98 -11.57 -11.60
N ASP A 305 31.72 -10.81 -10.53
CA ASP A 305 32.12 -11.25 -9.17
C ASP A 305 31.47 -12.59 -8.86
N LEU A 306 30.21 -12.74 -9.26
CA LEU A 306 29.47 -13.96 -8.94
C LEU A 306 29.95 -15.17 -9.75
N GLU A 307 30.27 -14.94 -11.02
CA GLU A 307 30.95 -15.93 -11.86
C GLU A 307 32.29 -16.42 -11.27
N LYS A 308 33.12 -15.49 -10.80
CA LYS A 308 34.39 -15.80 -10.13
C LYS A 308 34.15 -16.69 -8.90
N MET A 309 33.17 -16.33 -8.06
CA MET A 309 32.81 -17.14 -6.89
C MET A 309 32.36 -18.54 -7.28
N MET A 310 31.57 -18.66 -8.33
CA MET A 310 31.04 -19.97 -8.73
C MET A 310 32.18 -20.93 -9.12
N VAL A 311 33.05 -20.44 -9.99
CA VAL A 311 34.11 -21.25 -10.59
C VAL A 311 35.19 -21.73 -9.60
N LYS A 312 35.53 -20.91 -8.61
CA LYS A 312 36.44 -21.28 -7.53
C LYS A 312 35.74 -22.16 -6.45
N ARG A 313 34.61 -22.77 -6.79
CA ARG A 313 33.74 -23.49 -5.86
C ARG A 313 33.12 -22.58 -4.76
N GLY B 1 15.51 14.76 3.07
CA GLY B 1 14.28 15.20 2.36
C GLY B 1 13.18 15.48 3.35
N PRO B 2 11.94 15.70 2.86
CA PRO B 2 10.88 16.11 3.80
C PRO B 2 10.59 15.10 4.91
N LEU B 3 10.71 13.81 4.59
CA LEU B 3 10.42 12.76 5.60
C LEU B 3 11.51 12.70 6.65
N SER B 4 12.76 12.64 6.22
CA SER B 4 13.86 12.61 7.17
C SER B 4 13.78 13.81 8.14
N LEU B 5 13.37 14.97 7.64
CA LEU B 5 13.16 16.15 8.54
C LEU B 5 12.04 15.96 9.56
N SER B 6 10.91 15.41 9.12
CA SER B 6 9.76 15.15 10.00
C SER B 6 10.09 14.08 11.03
N VAL B 7 10.82 13.03 10.62
CA VAL B 7 11.22 11.93 11.52
C VAL B 7 12.14 12.47 12.61
N ASP B 8 13.15 13.19 12.18
CA ASP B 8 14.09 13.74 13.14
C ASP B 8 13.37 14.70 14.11
N ALA B 9 12.51 15.59 13.60
CA ALA B 9 11.75 16.47 14.48
C ALA B 9 10.95 15.66 15.52
N PHE B 10 10.34 14.57 15.06
CA PHE B 10 9.46 13.77 15.89
C PHE B 10 10.26 13.12 17.01
N LYS B 11 11.46 12.64 16.67
CA LYS B 11 12.27 11.89 17.64
C LYS B 11 13.08 12.81 18.59
N ILE B 12 13.14 14.10 18.28
CA ILE B 12 13.85 15.11 19.09
C ILE B 12 12.85 15.94 19.89
N PRO B 16 6.13 17.88 24.74
CA PRO B 16 5.98 17.32 26.08
C PRO B 16 4.52 17.06 26.37
N LYS B 17 3.66 17.92 25.82
CA LYS B 17 2.21 17.78 25.89
C LYS B 17 1.72 16.44 25.32
N TRP B 18 2.43 15.91 24.34
CA TRP B 18 1.98 14.73 23.63
C TRP B 18 2.84 13.49 23.90
N GLU B 19 4.08 13.66 24.32
CA GLU B 19 4.93 12.50 24.57
C GLU B 19 4.41 11.67 25.75
N PHE B 20 4.22 10.36 25.52
CA PHE B 20 3.69 9.46 26.55
C PHE B 20 4.79 8.48 27.01
N PRO B 21 4.95 8.25 28.34
CA PRO B 21 6.03 7.35 28.72
C PRO B 21 5.80 5.92 28.23
N ARG B 22 6.76 5.36 27.47
CA ARG B 22 6.58 3.98 26.95
C ARG B 22 6.32 2.92 28.02
N LYS B 23 6.94 3.08 29.18
CA LYS B 23 6.75 2.14 30.27
C LYS B 23 5.31 2.10 30.78
N ASN B 24 4.53 3.15 30.47
CA ASN B 24 3.13 3.18 30.95
C ASN B 24 2.12 2.62 29.98
N LEU B 25 2.62 2.07 28.87
CA LEU B 25 1.81 1.53 27.80
C LEU B 25 1.95 0.01 27.70
N VAL B 26 0.82 -0.70 27.79
CA VAL B 26 0.80 -2.17 27.71
C VAL B 26 -0.01 -2.55 26.48
N LEU B 27 0.69 -3.02 25.44
CA LEU B 27 0.03 -3.41 24.18
C LEU B 27 -0.72 -4.74 24.30
N GLY B 28 -1.90 -4.82 23.64
CA GLY B 28 -2.74 -6.00 23.70
C GLY B 28 -3.08 -6.55 22.34
N LYS B 29 -4.34 -6.93 22.19
CA LYS B 29 -4.94 -7.57 21.01
C LYS B 29 -4.76 -6.78 19.72
N THR B 30 -4.44 -7.44 18.62
CA THR B 30 -4.40 -6.75 17.32
C THR B 30 -5.84 -6.48 16.84
N LEU B 31 -6.13 -5.23 16.46
CA LEU B 31 -7.46 -4.92 15.94
C LEU B 31 -7.50 -5.03 14.42
N GLY B 32 -6.37 -4.77 13.76
CA GLY B 32 -6.29 -4.90 12.30
C GLY B 32 -5.25 -4.03 11.68
N GLU B 33 -5.31 -3.91 10.36
CA GLU B 33 -4.38 -3.05 9.62
C GLU B 33 -5.12 -1.95 8.87
N GLY B 34 -4.62 -0.73 9.00
CA GLY B 34 -5.26 0.45 8.42
C GLY B 34 -4.62 0.91 7.12
N GLU B 35 -4.78 2.20 6.81
CA GLU B 35 -4.25 2.78 5.55
C GLU B 35 -2.73 2.77 5.50
N PHE B 36 -2.09 2.82 6.66
CA PHE B 36 -0.64 2.98 6.71
C PHE B 36 0.11 2.02 7.63
N GLY B 37 -0.59 1.32 8.51
CA GLY B 37 0.12 0.37 9.40
C GLY B 37 -0.82 -0.59 10.09
N LYS B 38 -0.55 -0.88 11.36
CA LYS B 38 -1.27 -1.85 12.15
C LYS B 38 -1.86 -1.18 13.42
N VAL B 39 -3.01 -1.66 13.90
CA VAL B 39 -3.71 -1.08 15.06
C VAL B 39 -3.92 -2.12 16.16
N VAL B 40 -3.50 -1.79 17.39
CA VAL B 40 -3.64 -2.71 18.53
C VAL B 40 -4.33 -2.04 19.70
N LYS B 41 -5.06 -2.84 20.45
CA LYS B 41 -5.71 -2.37 21.65
C LYS B 41 -4.64 -2.33 22.74
N ALA B 42 -4.78 -1.38 23.67
CA ALA B 42 -3.78 -1.20 24.72
C ALA B 42 -4.37 -0.55 25.96
N THR B 43 -3.62 -0.61 27.05
CA THR B 43 -3.95 0.14 28.26
C THR B 43 -2.80 1.08 28.49
N ALA B 44 -3.14 2.28 28.96
CA ALA B 44 -2.22 3.38 29.19
C ALA B 44 -2.39 3.84 30.63
N PHE B 45 -1.33 3.74 31.45
CA PHE B 45 -1.40 4.16 32.84
C PHE B 45 -1.19 5.69 32.90
N HIS B 46 -2.01 6.41 33.68
CA HIS B 46 -1.88 7.87 33.80
C HIS B 46 -1.76 8.62 32.48
N LEU B 47 -2.68 8.34 31.57
CA LEU B 47 -2.77 9.03 30.30
C LEU B 47 -3.44 10.39 30.47
N LYS B 48 -2.73 11.47 30.17
CA LYS B 48 -3.35 12.83 30.20
C LYS B 48 -3.94 13.17 31.57
N GLY B 49 -3.24 12.78 32.63
CA GLY B 49 -3.71 13.02 33.98
C GLY B 49 -4.92 12.21 34.47
N ARG B 50 -5.28 11.15 33.74
CA ARG B 50 -6.38 10.25 34.15
C ARG B 50 -5.87 9.17 35.11
N ALA B 51 -6.67 8.88 36.14
CA ALA B 51 -6.41 7.78 37.08
C ALA B 51 -6.39 6.39 36.42
N GLY B 52 -5.53 5.53 36.95
CA GLY B 52 -5.49 4.15 36.55
C GLY B 52 -5.16 3.96 35.09
N TYR B 53 -5.79 2.96 34.51
CA TYR B 53 -5.51 2.56 33.13
C TYR B 53 -6.63 3.01 32.26
N THR B 54 -6.28 3.64 31.14
CA THR B 54 -7.28 4.00 30.13
C THR B 54 -7.06 3.06 28.94
N THR B 55 -8.15 2.46 28.46
CA THR B 55 -8.08 1.66 27.25
C THR B 55 -7.92 2.58 26.03
N VAL B 56 -6.91 2.29 25.19
CA VAL B 56 -6.59 3.12 24.02
C VAL B 56 -6.38 2.23 22.82
N ALA B 57 -6.24 2.85 21.64
CA ALA B 57 -5.85 2.12 20.42
C ALA B 57 -4.50 2.68 20.06
N VAL B 58 -3.63 1.82 19.55
CA VAL B 58 -2.29 2.24 19.23
C VAL B 58 -2.01 1.96 17.76
N LYS B 59 -1.52 2.97 17.07
CA LYS B 59 -1.10 2.84 15.67
C LYS B 59 0.40 2.71 15.56
N MET B 60 0.82 1.80 14.71
CA MET B 60 2.25 1.60 14.48
C MET B 60 2.48 1.13 13.06
N LEU B 61 3.75 1.17 12.66
CA LEU B 61 4.16 0.76 11.32
C LEU B 61 4.44 -0.74 11.29
N LYS B 62 4.10 -1.36 10.16
CA LYS B 62 4.70 -2.66 9.81
C LYS B 62 6.20 -2.53 9.47
N GLU B 63 6.95 -3.64 9.57
CA GLU B 63 8.41 -3.64 9.37
C GLU B 63 8.79 -3.29 7.92
N ASN B 64 7.93 -3.70 6.96
CA ASN B 64 8.18 -3.39 5.53
C ASN B 64 7.51 -2.08 5.13
N ALA B 65 7.36 -1.17 6.10
CA ALA B 65 6.79 0.15 5.84
C ALA B 65 7.63 0.89 4.82
N SER B 66 6.95 1.67 3.98
CA SER B 66 7.57 2.52 2.96
C SER B 66 7.61 3.94 3.54
N PRO B 67 8.40 4.84 2.93
CA PRO B 67 8.39 6.26 3.30
C PRO B 67 7.00 6.86 3.26
N SER B 68 6.20 6.49 2.26
CA SER B 68 4.90 7.11 2.23
C SER B 68 3.99 6.65 3.41
N GLU B 69 4.15 5.40 3.88
CA GLU B 69 3.42 4.91 5.09
C GLU B 69 3.85 5.65 6.36
N LEU B 70 5.16 5.76 6.57
CA LEU B 70 5.69 6.57 7.67
C LEU B 70 5.26 8.04 7.60
N ARG B 71 5.33 8.64 6.41
CA ARG B 71 4.81 10.01 6.17
C ARG B 71 3.34 10.12 6.59
N ASP B 72 2.53 9.14 6.18
CA ASP B 72 1.12 9.09 6.59
C ASP B 72 0.91 9.03 8.12
N LEU B 73 1.69 8.22 8.83
CA LEU B 73 1.55 8.13 10.30
C LEU B 73 1.85 9.52 10.94
N LEU B 74 2.95 10.15 10.52
CA LEU B 74 3.37 11.44 11.09
C LEU B 74 2.39 12.53 10.69
N SER B 75 1.83 12.42 9.50
CA SER B 75 0.78 13.31 9.05
C SER B 75 -0.49 13.19 9.92
N GLU B 76 -0.90 11.96 10.24
CA GLU B 76 -2.03 11.74 11.12
C GLU B 76 -1.79 12.37 12.48
N PHE B 77 -0.59 12.18 13.05
CA PHE B 77 -0.21 12.79 14.32
C PHE B 77 -0.29 14.33 14.24
N ASN B 78 0.31 14.89 13.19
CA ASN B 78 0.31 16.33 13.07
C ASN B 78 -1.06 16.97 12.86
N VAL B 79 -1.96 16.29 12.15
CA VAL B 79 -3.34 16.78 12.00
C VAL B 79 -4.15 16.64 13.30
N LEU B 80 -4.15 15.44 13.88
CA LEU B 80 -4.95 15.17 15.08
C LEU B 80 -4.56 16.03 16.28
N LYS B 81 -3.34 16.55 16.31
CA LYS B 81 -2.95 17.50 17.37
C LYS B 81 -3.75 18.78 17.37
N GLN B 82 -4.27 19.15 16.21
CA GLN B 82 -4.96 20.43 16.03
C GLN B 82 -6.46 20.32 16.26
N VAL B 83 -6.93 19.09 16.42
CA VAL B 83 -8.34 18.78 16.36
C VAL B 83 -8.91 18.42 17.72
N ASN B 84 -10.09 18.94 18.02
CA ASN B 84 -10.85 18.48 19.15
C ASN B 84 -12.34 18.61 18.88
N HIS B 85 -12.98 17.48 18.60
CA HIS B 85 -14.40 17.45 18.38
C HIS B 85 -14.94 16.10 18.83
N PRO B 86 -16.14 16.07 19.45
CA PRO B 86 -16.75 14.82 19.90
C PRO B 86 -16.88 13.73 18.86
N HIS B 87 -16.89 14.09 17.58
CA HIS B 87 -17.06 13.09 16.51
C HIS B 87 -15.84 12.97 15.61
N VAL B 88 -14.71 13.46 16.11
CA VAL B 88 -13.42 13.12 15.52
C VAL B 88 -12.63 12.32 16.58
N ILE B 89 -12.04 11.21 16.15
CA ILE B 89 -11.20 10.39 17.07
C ILE B 89 -10.13 11.26 17.74
N LYS B 90 -9.97 11.08 19.04
CA LYS B 90 -9.05 11.93 19.81
C LYS B 90 -7.62 11.37 19.82
N LEU B 91 -6.64 12.24 19.65
CA LEU B 91 -5.26 11.86 19.84
C LEU B 91 -4.90 12.07 21.30
N TYR B 92 -4.28 11.06 21.90
CA TYR B 92 -3.79 11.21 23.27
C TYR B 92 -2.32 11.46 23.36
N GLY B 93 -1.56 10.91 22.41
CA GLY B 93 -0.12 11.15 22.42
C GLY B 93 0.65 10.21 21.53
N ALA B 94 1.96 10.13 21.79
CA ALA B 94 2.87 9.35 21.00
C ALA B 94 4.04 8.90 21.86
N CYS B 95 4.62 7.76 21.48
CA CYS B 95 5.90 7.28 22.02
C CYS B 95 6.92 7.38 20.88
N SER B 96 7.83 8.34 21.00
CA SER B 96 8.83 8.63 19.97
C SER B 96 10.27 8.33 20.47
N GLN B 97 10.42 7.82 21.71
CA GLN B 97 11.72 7.75 22.37
C GLN B 97 12.17 6.34 22.75
N ASP B 98 11.39 5.32 22.40
CA ASP B 98 11.66 3.94 22.86
C ASP B 98 11.22 2.92 21.87
N GLY B 99 12.05 2.60 20.91
CA GLY B 99 11.64 1.60 19.93
C GLY B 99 10.73 2.18 18.87
N PRO B 100 9.87 1.33 18.29
CA PRO B 100 8.98 1.77 17.21
C PRO B 100 8.14 3.00 17.61
N LEU B 101 7.94 3.91 16.66
CA LEU B 101 7.02 5.01 16.83
C LEU B 101 5.61 4.49 17.02
N LEU B 102 4.91 5.05 18.00
CA LEU B 102 3.56 4.63 18.32
C LEU B 102 2.71 5.86 18.45
N LEU B 103 1.49 5.85 17.87
CA LEU B 103 0.50 6.90 18.13
C LEU B 103 -0.55 6.31 19.04
N ILE B 104 -0.96 7.09 20.04
CA ILE B 104 -1.95 6.63 20.99
C ILE B 104 -3.25 7.41 20.77
N VAL B 105 -4.34 6.71 20.52
CA VAL B 105 -5.60 7.36 20.17
C VAL B 105 -6.75 6.76 20.97
N GLU B 106 -7.84 7.50 21.04
CA GLU B 106 -9.11 7.03 21.59
C GLU B 106 -9.54 5.67 21.06
N TYR B 107 -9.95 4.77 21.96
CA TYR B 107 -10.38 3.42 21.56
C TYR B 107 -11.86 3.49 21.19
N ALA B 108 -12.23 2.92 20.04
CA ALA B 108 -13.64 2.84 19.66
C ALA B 108 -14.07 1.42 19.82
N LYS B 109 -14.81 1.13 20.89
CA LYS B 109 -15.07 -0.27 21.21
C LYS B 109 -15.82 -1.10 20.17
N TYR B 110 -16.62 -0.47 19.28
CA TYR B 110 -17.28 -1.26 18.23
C TYR B 110 -16.51 -1.42 16.91
N GLY B 111 -15.33 -0.83 16.79
CA GLY B 111 -14.60 -0.93 15.53
C GLY B 111 -15.22 -0.02 14.45
N SER B 112 -14.99 -0.36 13.19
CA SER B 112 -15.36 0.47 12.07
C SER B 112 -16.88 0.40 11.87
N LEU B 113 -17.41 1.54 11.42
CA LEU B 113 -18.81 1.66 11.10
C LEU B 113 -19.21 0.56 10.12
N ARG B 114 -18.37 0.30 9.13
CA ARG B 114 -18.68 -0.72 8.13
C ARG B 114 -18.93 -2.09 8.74
N GLY B 115 -18.09 -2.51 9.68
CA GLY B 115 -18.30 -3.83 10.30
C GLY B 115 -19.51 -3.79 11.21
N PHE B 116 -19.66 -2.68 11.91
CA PHE B 116 -20.77 -2.46 12.82
C PHE B 116 -22.12 -2.60 12.12
N LEU B 117 -22.22 -2.03 10.92
CA LEU B 117 -23.43 -2.12 10.12
C LEU B 117 -23.64 -3.52 9.52
N ARG B 118 -22.57 -4.12 9.00
CA ARG B 118 -22.67 -5.42 8.36
C ARG B 118 -23.06 -6.52 9.36
N GLU B 119 -22.87 -6.25 10.64
CA GLU B 119 -23.24 -7.19 11.69
C GLU B 119 -24.63 -6.83 12.24
N SER B 120 -25.28 -5.86 11.59
CA SER B 120 -26.56 -5.35 12.02
C SER B 120 -27.65 -5.78 11.05
N ARG B 121 -28.90 -5.70 11.53
CA ARG B 121 -30.11 -5.83 10.69
C ARG B 121 -30.97 -4.59 10.89
N LYS B 122 -31.73 -4.21 9.86
CA LYS B 122 -32.63 -3.05 9.91
C LYS B 122 -33.98 -3.41 10.54
N ARG B 145 -27.39 -6.68 16.97
CA ARG B 145 -28.24 -5.52 17.20
C ARG B 145 -29.21 -5.22 16.06
N ALA B 146 -30.19 -4.38 16.37
CA ALA B 146 -31.22 -4.00 15.42
C ALA B 146 -31.19 -2.51 15.26
N LEU B 147 -31.11 -2.04 14.01
CA LEU B 147 -31.03 -0.60 13.75
C LEU B 147 -32.24 -0.02 13.00
N THR B 148 -32.70 1.15 13.44
CA THR B 148 -33.79 1.85 12.75
C THR B 148 -33.23 2.91 11.82
N MET B 149 -34.04 3.32 10.84
CA MET B 149 -33.68 4.45 10.02
C MET B 149 -33.27 5.65 10.90
N GLY B 150 -33.93 5.82 12.03
CA GLY B 150 -33.59 6.91 12.96
C GLY B 150 -32.12 6.85 13.42
N ASP B 151 -31.67 5.65 13.80
CA ASP B 151 -30.27 5.39 14.17
C ASP B 151 -29.33 5.80 13.03
N LEU B 152 -29.64 5.30 11.84
CA LEU B 152 -28.84 5.56 10.64
C LEU B 152 -28.70 7.04 10.33
N ILE B 153 -29.78 7.81 10.53
CA ILE B 153 -29.76 9.25 10.26
C ILE B 153 -28.95 9.92 11.35
N SER B 154 -29.07 9.41 12.58
CA SER B 154 -28.25 9.89 13.69
C SER B 154 -26.76 9.71 13.36
N PHE B 155 -26.43 8.54 12.82
CA PHE B 155 -25.02 8.23 12.49
C PHE B 155 -24.54 9.21 11.44
N ALA B 156 -25.32 9.39 10.38
CA ALA B 156 -24.96 10.33 9.29
C ALA B 156 -24.76 11.75 9.79
N TRP B 157 -25.61 12.18 10.72
CA TRP B 157 -25.58 13.55 11.26
C TRP B 157 -24.34 13.78 12.08
N GLN B 158 -24.02 12.79 12.91
CA GLN B 158 -22.84 12.89 13.76
C GLN B 158 -21.58 13.06 12.91
N ILE B 159 -21.44 12.28 11.86
CA ILE B 159 -20.32 12.40 10.89
C ILE B 159 -20.30 13.77 10.20
N SER B 160 -21.46 14.19 9.72
CA SER B 160 -21.60 15.53 9.10
C SER B 160 -21.25 16.66 10.05
N GLN B 161 -21.51 16.50 11.36
CA GLN B 161 -21.04 17.48 12.34
C GLN B 161 -19.53 17.54 12.44
N GLY B 162 -18.89 16.38 12.58
CA GLY B 162 -17.41 16.33 12.61
C GLY B 162 -16.79 16.91 11.35
N MET B 163 -17.40 16.64 10.19
CA MET B 163 -16.95 17.14 8.88
C MET B 163 -17.09 18.66 8.73
N GLN B 164 -18.23 19.21 9.17
CA GLN B 164 -18.40 20.66 9.29
C GLN B 164 -17.27 21.26 10.10
N TYR B 165 -16.97 20.64 11.24
CA TYR B 165 -15.90 21.09 12.10
C TYR B 165 -14.54 21.04 11.36
N LEU B 166 -14.27 19.93 10.69
CA LEU B 166 -13.01 19.80 9.91
C LEU B 166 -12.93 20.84 8.77
N ALA B 167 -13.99 20.95 8.00
CA ALA B 167 -14.05 21.96 6.90
C ALA B 167 -13.83 23.39 7.42
N GLU B 168 -14.39 23.70 8.59
CA GLU B 168 -14.18 25.02 9.21
C GLU B 168 -12.72 25.25 9.55
N MET B 169 -12.04 24.19 9.97
CA MET B 169 -10.62 24.24 10.22
C MET B 169 -9.74 24.19 8.94
N LYS B 170 -10.36 24.17 7.77
CA LYS B 170 -9.62 24.04 6.50
C LYS B 170 -8.82 22.72 6.35
N LEU B 171 -9.32 21.65 6.92
CA LEU B 171 -8.73 20.31 6.73
C LEU B 171 -9.61 19.56 5.75
N VAL B 172 -9.00 18.97 4.73
CA VAL B 172 -9.68 18.08 3.78
C VAL B 172 -9.30 16.65 4.20
N HIS B 173 -10.29 15.83 4.51
CA HIS B 173 -10.03 14.46 4.96
C HIS B 173 -9.55 13.54 3.84
N ARG B 174 -10.17 13.66 2.66
CA ARG B 174 -9.85 12.87 1.44
C ARG B 174 -10.26 11.38 1.41
N ASP B 175 -10.40 10.75 2.56
CA ASP B 175 -10.62 9.29 2.62
C ASP B 175 -11.89 8.92 3.42
N LEU B 176 -12.95 9.69 3.26
CA LEU B 176 -14.18 9.46 4.01
C LEU B 176 -14.82 8.20 3.45
N ALA B 177 -15.15 7.22 4.32
CA ALA B 177 -15.69 5.91 3.92
C ALA B 177 -16.10 5.22 5.19
N ALA B 178 -17.06 4.29 5.10
CA ALA B 178 -17.57 3.63 6.29
C ALA B 178 -16.47 2.84 7.01
N ARG B 179 -15.50 2.33 6.26
CA ARG B 179 -14.33 1.70 6.86
C ARG B 179 -13.46 2.68 7.71
N ASN B 180 -13.60 3.99 7.45
CA ASN B 180 -12.81 5.01 8.17
C ASN B 180 -13.60 5.80 9.20
N ILE B 181 -14.79 5.30 9.54
CA ILE B 181 -15.52 5.85 10.64
C ILE B 181 -15.56 4.76 11.69
N LEU B 182 -15.33 5.13 12.94
CA LEU B 182 -15.33 4.21 14.07
C LEU B 182 -16.56 4.44 14.92
N VAL B 183 -16.98 3.40 15.63
CA VAL B 183 -18.17 3.44 16.46
C VAL B 183 -17.73 3.25 17.92
N ALA B 184 -17.87 4.30 18.72
CA ALA B 184 -17.43 4.26 20.10
C ALA B 184 -18.61 3.93 21.03
N GLU B 185 -18.30 3.79 22.33
CA GLU B 185 -19.31 3.58 23.35
C GLU B 185 -20.50 4.53 23.15
N GLY B 186 -21.69 3.95 23.20
CA GLY B 186 -22.94 4.70 23.09
C GLY B 186 -23.27 4.97 21.64
N ARG B 187 -22.69 4.10 20.78
CA ARG B 187 -22.73 4.23 19.33
C ARG B 187 -22.43 5.62 18.83
N LYS B 188 -21.41 6.27 19.39
CA LYS B 188 -20.97 7.58 18.89
C LYS B 188 -19.98 7.43 17.72
N MET B 189 -20.27 8.16 16.63
CA MET B 189 -19.42 8.15 15.45
C MET B 189 -18.12 8.94 15.70
N LYS B 190 -17.01 8.39 15.21
CA LYS B 190 -15.71 9.05 15.31
C LYS B 190 -15.05 9.00 13.94
N ILE B 191 -14.83 10.15 13.35
CA ILE B 191 -14.11 10.19 12.08
C ILE B 191 -12.68 9.79 12.41
N SER B 192 -12.13 8.87 11.63
CA SER B 192 -10.79 8.29 11.86
C SER B 192 -9.93 8.32 10.60
N ASP B 193 -8.70 7.79 10.72
CA ASP B 193 -7.80 7.50 9.60
C ASP B 193 -7.39 8.75 8.86
N PHE B 194 -6.62 9.60 9.53
CA PHE B 194 -6.23 10.91 9.02
C PHE B 194 -4.90 10.89 8.25
N GLY B 195 -4.41 9.68 7.93
CA GLY B 195 -3.15 9.53 7.17
C GLY B 195 -3.09 10.24 5.83
N LEU B 196 -4.24 10.38 5.16
CA LEU B 196 -4.28 10.99 3.84
C LEU B 196 -4.79 12.43 3.82
N SER B 197 -5.16 12.96 4.97
CA SER B 197 -5.78 14.28 5.07
C SER B 197 -4.77 15.38 4.80
N ARG B 198 -5.25 16.51 4.28
CA ARG B 198 -4.37 17.61 3.96
C ARG B 198 -4.92 18.94 4.52
N ASP B 199 -4.02 19.72 5.12
CA ASP B 199 -4.38 21.03 5.66
C ASP B 199 -4.51 22.11 4.56
N VAL B 200 -5.65 22.09 3.85
CA VAL B 200 -5.99 23.09 2.83
C VAL B 200 -6.20 24.46 3.46
N GLY B 212 -2.80 9.18 -6.41
CA GLY B 212 -3.57 9.17 -5.20
C GLY B 212 -3.88 7.77 -4.69
N ARG B 213 -4.04 7.68 -3.38
CA ARG B 213 -4.20 6.42 -2.69
C ARG B 213 -5.59 6.24 -2.15
N ILE B 214 -6.48 7.13 -2.54
CA ILE B 214 -7.87 6.95 -2.15
C ILE B 214 -8.53 5.99 -3.15
N PRO B 215 -9.26 4.99 -2.63
CA PRO B 215 -10.01 4.07 -3.51
C PRO B 215 -10.87 4.84 -4.54
N VAL B 216 -10.77 4.45 -5.81
CA VAL B 216 -11.49 5.10 -6.91
C VAL B 216 -12.97 5.27 -6.61
N LYS B 217 -13.59 4.28 -5.98
CA LYS B 217 -15.04 4.30 -5.84
C LYS B 217 -15.59 5.32 -4.83
N TRP B 218 -14.72 5.93 -4.02
CA TRP B 218 -15.12 6.98 -3.08
C TRP B 218 -14.70 8.38 -3.50
N MET B 219 -14.01 8.49 -4.64
CA MET B 219 -13.43 9.73 -5.13
C MET B 219 -14.38 10.55 -5.99
N ALA B 220 -14.35 11.87 -5.78
CA ALA B 220 -15.03 12.85 -6.61
C ALA B 220 -14.50 12.87 -8.05
N ILE B 221 -15.40 13.14 -8.97
CA ILE B 221 -15.07 13.14 -10.39
C ILE B 221 -13.90 14.08 -10.73
N GLU B 222 -13.83 15.24 -10.07
CA GLU B 222 -12.69 16.14 -10.31
C GLU B 222 -11.38 15.65 -9.68
N SER B 223 -11.49 14.80 -8.68
CA SER B 223 -10.31 14.23 -8.06
C SER B 223 -9.74 13.18 -9.01
N LEU B 224 -10.62 12.37 -9.59
CA LEU B 224 -10.23 11.38 -10.61
C LEU B 224 -9.62 12.01 -11.88
N PHE B 225 -10.29 13.02 -12.44
CA PHE B 225 -9.82 13.61 -13.69
C PHE B 225 -8.77 14.70 -13.51
N ASP B 226 -8.90 15.54 -12.49
CA ASP B 226 -7.99 16.67 -12.27
C ASP B 226 -7.05 16.58 -11.06
N HIS B 227 -7.25 15.58 -10.19
CA HIS B 227 -6.42 15.40 -8.98
C HIS B 227 -6.58 16.50 -7.93
N ILE B 228 -7.75 17.11 -7.91
CA ILE B 228 -8.09 18.14 -6.99
C ILE B 228 -8.86 17.55 -5.80
N TYR B 229 -8.52 18.02 -4.60
CA TYR B 229 -9.20 17.63 -3.38
C TYR B 229 -9.57 18.86 -2.62
N THR B 230 -10.84 18.98 -2.30
CA THR B 230 -11.35 20.12 -1.55
C THR B 230 -12.40 19.62 -0.56
N THR B 231 -12.93 20.50 0.30
CA THR B 231 -14.09 20.09 1.11
C THR B 231 -15.24 19.54 0.25
N GLN B 232 -15.38 20.08 -0.97
CA GLN B 232 -16.45 19.66 -1.83
C GLN B 232 -16.24 18.24 -2.40
N SER B 233 -14.98 17.81 -2.52
CA SER B 233 -14.71 16.38 -2.85
C SER B 233 -14.88 15.51 -1.59
N ASP B 234 -14.70 16.07 -0.39
CA ASP B 234 -15.10 15.34 0.83
C ASP B 234 -16.64 15.13 0.87
N VAL B 235 -17.40 16.11 0.40
CA VAL B 235 -18.86 16.00 0.31
C VAL B 235 -19.24 14.85 -0.64
N TRP B 236 -18.55 14.73 -1.78
CA TRP B 236 -18.78 13.56 -2.68
C TRP B 236 -18.59 12.19 -1.97
N SER B 237 -17.43 12.03 -1.34
CA SER B 237 -17.13 10.84 -0.53
C SER B 237 -18.16 10.61 0.57
N PHE B 238 -18.58 11.69 1.22
CA PHE B 238 -19.68 11.61 2.18
C PHE B 238 -20.96 10.99 1.57
N GLY B 239 -21.31 11.38 0.34
CA GLY B 239 -22.47 10.79 -0.33
C GLY B 239 -22.30 9.28 -0.53
N VAL B 240 -21.10 8.81 -0.86
CA VAL B 240 -20.83 7.37 -0.98
C VAL B 240 -20.96 6.73 0.38
N LEU B 241 -20.41 7.38 1.41
CA LEU B 241 -20.60 6.92 2.81
C LEU B 241 -22.10 6.83 3.20
N LEU B 242 -22.90 7.82 2.82
CA LEU B 242 -24.34 7.77 3.11
C LEU B 242 -24.95 6.53 2.49
N TRP B 243 -24.54 6.26 1.26
CA TRP B 243 -25.00 5.07 0.56
C TRP B 243 -24.62 3.80 1.34
N GLU B 244 -23.39 3.76 1.85
CA GLU B 244 -22.92 2.65 2.70
C GLU B 244 -23.76 2.50 3.95
N ILE B 245 -24.12 3.61 4.55
CA ILE B 245 -24.88 3.59 5.80
C ILE B 245 -26.29 2.98 5.53
N VAL B 246 -26.95 3.52 4.51
CA VAL B 246 -28.33 3.18 4.17
C VAL B 246 -28.46 1.71 3.73
N THR B 247 -27.45 1.19 3.04
CA THR B 247 -27.36 -0.21 2.67
C THR B 247 -26.78 -1.12 3.76
N LEU B 248 -26.52 -0.54 4.94
CA LEU B 248 -25.89 -1.22 6.07
C LEU B 248 -24.63 -1.97 5.64
N GLY B 249 -23.71 -1.23 5.03
CA GLY B 249 -22.39 -1.75 4.72
C GLY B 249 -22.24 -2.36 3.33
N GLY B 250 -23.05 -1.90 2.39
CA GLY B 250 -22.98 -2.41 1.03
C GLY B 250 -21.67 -2.02 0.37
N ASN B 251 -21.34 -2.70 -0.72
CA ASN B 251 -20.14 -2.37 -1.47
C ASN B 251 -20.56 -1.48 -2.62
N PRO B 252 -20.07 -0.22 -2.65
CA PRO B 252 -20.44 0.75 -3.72
C PRO B 252 -20.19 0.23 -5.14
N TYR B 253 -21.04 0.61 -6.08
CA TYR B 253 -20.90 0.25 -7.51
C TYR B 253 -20.60 -1.27 -7.69
N PRO B 254 -21.46 -2.15 -7.14
CA PRO B 254 -21.09 -3.55 -7.18
C PRO B 254 -21.12 -4.12 -8.59
N GLY B 255 -20.07 -4.86 -8.92
CA GLY B 255 -19.90 -5.43 -10.26
C GLY B 255 -19.31 -4.45 -11.24
N ILE B 256 -19.00 -3.22 -10.79
CA ILE B 256 -18.32 -2.31 -11.67
C ILE B 256 -16.83 -2.22 -11.31
N PRO B 257 -15.95 -2.56 -12.27
CA PRO B 257 -14.53 -2.42 -11.97
C PRO B 257 -14.15 -0.96 -11.81
N PRO B 258 -13.36 -0.63 -10.76
CA PRO B 258 -13.05 0.79 -10.53
C PRO B 258 -12.48 1.43 -11.77
N GLU B 259 -11.72 0.65 -12.55
CA GLU B 259 -11.12 1.17 -13.79
C GLU B 259 -12.16 1.65 -14.81
N ARG B 260 -13.39 1.13 -14.69
CA ARG B 260 -14.49 1.52 -15.59
C ARG B 260 -15.39 2.63 -15.02
N LEU B 261 -15.11 3.08 -13.80
CA LEU B 261 -15.92 4.11 -13.16
C LEU B 261 -15.71 5.53 -13.70
N PHE B 262 -14.47 5.89 -14.02
CA PHE B 262 -14.16 7.20 -14.58
C PHE B 262 -15.20 7.52 -15.68
N ASN B 263 -15.31 6.65 -16.68
CA ASN B 263 -16.14 6.91 -17.86
C ASN B 263 -17.63 6.92 -17.54
N LEU B 264 -18.06 6.05 -16.62
CA LEU B 264 -19.46 6.02 -16.20
C LEU B 264 -19.88 7.29 -15.49
N LEU B 265 -19.01 7.79 -14.60
CA LEU B 265 -19.30 9.07 -13.94
C LEU B 265 -19.33 10.26 -14.89
N LYS B 266 -18.36 10.36 -15.80
CA LYS B 266 -18.30 11.49 -16.73
C LYS B 266 -19.53 11.59 -17.63
N THR B 267 -20.13 10.46 -17.97
CA THR B 267 -21.35 10.47 -18.79
C THR B 267 -22.61 10.66 -17.94
N GLY B 268 -22.43 10.87 -16.63
CA GLY B 268 -23.53 11.17 -15.74
C GLY B 268 -24.19 10.02 -15.03
N HIS B 269 -23.60 8.82 -15.06
CA HIS B 269 -24.22 7.70 -14.33
C HIS B 269 -23.90 7.79 -12.83
N ARG B 270 -24.88 7.43 -12.01
CA ARG B 270 -24.71 7.41 -10.55
C ARG B 270 -25.39 6.16 -10.04
N MET B 271 -25.03 5.72 -8.83
CA MET B 271 -25.70 4.61 -8.16
C MET B 271 -27.20 4.92 -8.02
N GLU B 272 -28.03 3.91 -8.29
CA GLU B 272 -29.47 4.02 -8.16
C GLU B 272 -29.91 3.99 -6.71
N ARG B 273 -31.14 4.43 -6.48
CA ARG B 273 -31.75 4.41 -5.17
C ARG B 273 -31.80 2.99 -4.59
N PRO B 274 -31.09 2.78 -3.46
CA PRO B 274 -30.95 1.45 -2.89
C PRO B 274 -32.25 1.03 -2.21
N ASP B 275 -32.29 -0.23 -1.77
CA ASP B 275 -33.56 -0.90 -1.44
C ASP B 275 -34.38 -0.24 -0.36
N ASN B 276 -33.81 -0.03 0.81
CA ASN B 276 -34.58 0.53 1.92
C ASN B 276 -34.20 1.99 2.15
N CYS B 277 -34.39 2.82 1.11
CA CYS B 277 -33.98 4.21 1.14
C CYS B 277 -35.09 5.17 0.68
N SER B 278 -35.31 6.23 1.45
CA SER B 278 -36.32 7.24 1.14
C SER B 278 -35.92 8.11 -0.04
N GLU B 279 -36.89 8.85 -0.57
CA GLU B 279 -36.67 9.72 -1.72
C GLU B 279 -35.80 10.90 -1.30
N GLU B 280 -36.06 11.41 -0.10
CA GLU B 280 -35.33 12.55 0.47
C GLU B 280 -33.87 12.24 0.80
N MET B 281 -33.64 11.08 1.40
CA MET B 281 -32.29 10.57 1.65
C MET B 281 -31.53 10.38 0.32
N TYR B 282 -32.16 9.70 -0.64
CA TYR B 282 -31.53 9.50 -1.93
C TYR B 282 -31.30 10.83 -2.69
N ARG B 283 -32.21 11.79 -2.55
CA ARG B 283 -31.98 13.13 -3.11
C ARG B 283 -30.70 13.76 -2.51
N LEU B 284 -30.51 13.52 -1.22
CA LEU B 284 -29.36 14.03 -0.52
C LEU B 284 -28.07 13.43 -1.07
N MET B 285 -28.02 12.10 -1.13
CA MET B 285 -26.92 11.37 -1.81
C MET B 285 -26.59 11.90 -3.17
N LEU B 286 -27.59 11.92 -4.05
CA LEU B 286 -27.41 12.38 -5.44
C LEU B 286 -26.81 13.75 -5.53
N GLN B 287 -27.19 14.62 -4.61
CA GLN B 287 -26.69 15.98 -4.68
C GLN B 287 -25.20 16.06 -4.28
N CYS B 288 -24.76 15.12 -3.45
CA CYS B 288 -23.36 15.01 -3.08
C CYS B 288 -22.53 14.68 -4.32
N TRP B 289 -23.16 14.03 -5.30
CA TRP B 289 -22.48 13.56 -6.51
C TRP B 289 -22.78 14.40 -7.74
N LYS B 290 -23.16 15.66 -7.56
CA LYS B 290 -23.17 16.59 -8.67
C LYS B 290 -21.79 16.73 -9.29
N GLN B 291 -21.75 16.75 -10.63
CA GLN B 291 -20.50 16.96 -11.34
C GLN B 291 -19.81 18.25 -10.93
N GLU B 292 -20.53 19.38 -10.94
CA GLU B 292 -19.92 20.64 -10.52
C GLU B 292 -19.88 20.69 -9.00
N PRO B 293 -18.68 20.84 -8.43
CA PRO B 293 -18.54 20.81 -6.97
C PRO B 293 -19.37 21.91 -6.28
N ASP B 294 -19.54 23.05 -6.93
CA ASP B 294 -20.34 24.16 -6.40
C ASP B 294 -21.81 23.85 -6.25
N LYS B 295 -22.29 22.86 -6.99
CA LYS B 295 -23.69 22.47 -6.90
C LYS B 295 -23.98 21.41 -5.84
N ARG B 296 -22.92 20.94 -5.17
CA ARG B 296 -23.04 19.99 -4.06
C ARG B 296 -23.41 20.75 -2.80
N PRO B 297 -24.06 20.08 -1.83
CA PRO B 297 -24.31 20.80 -0.59
C PRO B 297 -23.00 20.98 0.17
N VAL B 298 -22.96 21.94 1.10
CA VAL B 298 -21.87 22.00 2.07
C VAL B 298 -22.28 21.13 3.27
N PHE B 299 -21.34 20.82 4.15
CA PHE B 299 -21.65 20.02 5.34
C PHE B 299 -22.71 20.65 6.26
N ALA B 300 -22.77 21.97 6.35
CA ALA B 300 -23.86 22.62 7.12
C ALA B 300 -25.23 22.28 6.56
N ASP B 301 -25.36 22.24 5.21
CA ASP B 301 -26.60 21.89 4.52
C ASP B 301 -26.90 20.43 4.74
N ILE B 302 -25.86 19.60 4.69
CA ILE B 302 -26.04 18.17 4.99
C ILE B 302 -26.52 17.99 6.42
N SER B 303 -25.88 18.63 7.40
CA SER B 303 -26.37 18.55 8.81
C SER B 303 -27.80 19.07 8.95
N LYS B 304 -28.09 20.22 8.36
CA LYS B 304 -29.47 20.76 8.36
C LYS B 304 -30.50 19.72 7.89
N ASP B 305 -30.23 19.08 6.74
CA ASP B 305 -31.17 18.13 6.16
C ASP B 305 -31.49 16.97 7.08
N LEU B 306 -30.48 16.49 7.80
CA LEU B 306 -30.65 15.33 8.68
C LEU B 306 -31.35 15.74 9.98
N GLU B 307 -31.07 16.95 10.48
CA GLU B 307 -31.79 17.53 11.63
C GLU B 307 -33.29 17.65 11.31
N LYS B 308 -33.58 18.08 10.08
CA LYS B 308 -34.98 18.19 9.62
C LYS B 308 -35.61 16.83 9.50
N MET B 309 -34.93 15.88 8.86
CA MET B 309 -35.48 14.51 8.80
C MET B 309 -35.77 13.97 10.20
N MET B 310 -34.85 14.18 11.13
CA MET B 310 -34.99 13.58 12.46
C MET B 310 -36.29 14.06 13.12
N VAL B 311 -36.51 15.37 13.13
CA VAL B 311 -37.61 15.92 13.87
C VAL B 311 -38.94 15.65 13.19
N LYS B 312 -38.93 15.66 11.85
CA LYS B 312 -40.15 15.48 11.07
C LYS B 312 -40.63 14.03 11.15
N ARG B 313 -39.68 13.11 11.36
CA ARG B 313 -40.01 11.70 11.52
C ARG B 313 -40.40 11.39 12.96
C FMT C . 6.39 5.20 -5.98
O1 FMT C . 7.23 4.84 -5.19
O2 FMT C . 6.65 5.48 -7.16
C FMT D . 0.31 -7.48 -8.06
O1 FMT D . 0.22 -6.58 -7.22
O2 FMT D . 1.40 -7.91 -8.45
C FMT E . 5.51 -9.18 -4.76
O1 FMT E . 5.13 -10.27 -4.31
O2 FMT E . 5.37 -8.05 -4.22
O3P ACK F . 5.27 -16.63 -2.96
P ACK F . 4.15 -16.43 -3.91
O1P ACK F . 3.39 -17.65 -4.40
O2' ACK F . 4.57 -15.66 -5.29
O3' ACK F . 3.13 -15.30 -3.42
C3' ACK F . 3.23 -14.09 -4.20
C4' ACK F . 1.86 -13.54 -4.62
O4' ACK F . 1.73 -13.78 -6.04
C5' ACK F . 1.75 -12.04 -4.32
O5' ACK F . 2.73 -11.32 -5.05
C1' ACK F . 2.78 -14.65 -6.46
N9 ACK F . 3.09 -14.40 -7.88
C8 ACK F . 3.26 -13.20 -8.49
N7 ACK F . 3.49 -13.37 -9.81
C5 ACK F . 3.48 -14.69 -10.03
C6 ACK F . 3.70 -15.51 -11.21
N6 ACK F . 3.99 -14.90 -12.38
N1 ACK F . 3.63 -16.85 -11.03
C2 ACK F . 3.39 -17.45 -9.84
N3 ACK F . 3.17 -16.75 -8.70
C4 ACK F . 3.21 -15.38 -8.76
C2' ACK F . 3.94 -14.43 -5.50
C FMT G . 12.82 12.02 2.54
O1 FMT G . 13.60 12.32 3.45
O2 FMT G . 11.79 12.59 2.20
C FMT H . -2.31 10.25 -1.32
O1 FMT H . -3.22 10.35 -2.13
O2 FMT H . -2.10 11.05 -0.39
C FMT I . -3.38 2.86 10.56
O1 FMT I . -4.56 3.22 10.66
O2 FMT I . -2.95 2.04 9.73
O3P ACK J . -11.70 -3.54 14.22
P ACK J . -11.97 -2.69 12.98
O1P ACK J . -13.26 -2.83 12.23
O2' ACK J . -11.74 -1.17 13.43
O3' ACK J . -10.81 -2.80 11.91
C3' ACK J . -10.16 -1.54 11.66
C4' ACK J . -8.65 -1.73 11.79
O4' ACK J . -8.28 -1.16 13.06
C5' ACK J . -7.87 -1.02 10.70
O5' ACK J . -8.13 0.38 10.74
C1' ACK J . -9.41 -0.76 13.82
N9 ACK J . -9.22 0.55 14.49
C8 ACK J . -8.59 1.61 13.96
N7 ACK J . -8.57 2.65 14.82
C5 ACK J . -9.23 2.23 15.94
C6 ACK J . -9.62 2.83 17.23
N6 ACK J . -9.30 4.11 17.54
N1 ACK J . -10.30 2.06 18.10
C2 ACK J . -10.67 0.79 17.83
N3 ACK J . -10.36 0.19 16.66
C4 ACK J . -9.66 0.85 15.70
C2' ACK J . -10.57 -0.65 12.83
#